data_8HW0
#
_entry.id   8HW0
#
_cell.length_a   157.650
_cell.length_b   157.650
_cell.length_c   111.259
_cell.angle_alpha   90.00
_cell.angle_beta   90.00
_cell.angle_gamma   90.00
#
_symmetry.space_group_name_H-M   'I 4 2 2'
#
loop_
_entity.id
_entity.type
_entity.pdbx_description
1 polymer 'NADPH-dependent aldo/keto reductase AKR6D1'
2 non-polymer GLYCEROL
3 non-polymer 'NADP NICOTINAMIDE-ADENINE-DINUCLEOTIDE PHOSPHATE'
4 water water
#
_entity_poly.entity_id   1
_entity_poly.type   'polypeptide(L)'
_entity_poly.pdbx_seq_one_letter_code
;MEYRRLGKSGLKVSEFSFGSWVTFGKQVDGGDAKTLMQAAYDAGINFFDNAEGYEQGNSEALMGAALKELGWDRDSYIVS
SKVFWGGSKPTQKGLSRKHVTDACNAALKRLQVDYLDLYFCHRPDVDTPIEETVRAMDALITQGKILYWGTSEWNAQQLT
EAYGVARAYGLTPPTMEQPQYNILERRKVEGDFLPLYELFGLGTTIWSPLASGILTGKYLEGIPNDSRLNLPGYEWLKER
WSTPDGREKQAQVRELADLAKELGISLTHLSLLWCLANPHVSTVILGASRLSQLEDNLAALAHKDKVTPEVMARIDEIVG
NKPAGPQRF
;
_entity_poly.pdbx_strand_id   A
#
loop_
_chem_comp.id
_chem_comp.type
_chem_comp.name
_chem_comp.formula
GOL non-polymer GLYCEROL 'C3 H8 O3'
NAP non-polymer 'NADP NICOTINAMIDE-ADENINE-DINUCLEOTIDE PHOSPHATE' 'C21 H28 N7 O17 P3'
#
# COMPACT_ATOMS: atom_id res chain seq x y z
N MET A 1 -9.58 -14.79 -8.08
CA MET A 1 -9.03 -13.43 -8.09
C MET A 1 -9.62 -12.61 -9.24
N GLU A 2 -10.06 -11.40 -8.90
CA GLU A 2 -10.47 -10.43 -9.89
C GLU A 2 -9.44 -9.31 -9.95
N TYR A 3 -9.51 -8.53 -11.03
CA TYR A 3 -8.49 -7.54 -11.37
C TYR A 3 -9.17 -6.20 -11.62
N ARG A 4 -8.50 -5.11 -11.22
CA ARG A 4 -9.01 -3.76 -11.42
C ARG A 4 -7.97 -2.95 -12.16
N ARG A 5 -8.43 -2.01 -12.99
CA ARG A 5 -7.52 -1.02 -13.54
C ARG A 5 -6.94 -0.15 -12.44
N LEU A 6 -5.66 0.20 -12.59
CA LEU A 6 -5.00 1.11 -11.64
C LEU A 6 -5.42 2.53 -11.99
N GLY A 7 -6.51 2.98 -11.38
CA GLY A 7 -7.10 4.26 -11.78
C GLY A 7 -7.62 4.19 -13.20
N LYS A 8 -7.41 5.27 -13.94
CA LYS A 8 -7.77 5.24 -15.36
C LYS A 8 -6.75 4.50 -16.20
N SER A 9 -5.61 4.06 -15.66
CA SER A 9 -4.63 3.44 -16.52
C SER A 9 -5.12 2.09 -17.03
N GLY A 10 -4.40 1.56 -18.01
CA GLY A 10 -4.70 0.26 -18.54
C GLY A 10 -4.03 -0.87 -17.79
N LEU A 11 -3.23 -0.56 -16.77
CA LEU A 11 -2.57 -1.61 -16.00
C LEU A 11 -3.57 -2.28 -15.06
N LYS A 12 -3.72 -3.60 -15.20
CA LYS A 12 -4.70 -4.34 -14.41
C LYS A 12 -3.99 -5.00 -13.22
N VAL A 13 -4.33 -4.56 -12.01
CA VAL A 13 -3.76 -5.11 -10.77
C VAL A 13 -4.75 -6.07 -10.13
N SER A 14 -4.23 -7.17 -9.60
CA SER A 14 -5.07 -8.06 -8.81
C SER A 14 -5.68 -7.30 -7.63
N GLU A 15 -6.94 -7.61 -7.29
CA GLU A 15 -7.63 -6.83 -6.26
C GLU A 15 -6.96 -6.96 -4.91
N PHE A 16 -6.29 -8.08 -4.65
CA PHE A 16 -5.35 -8.21 -3.55
C PHE A 16 -3.94 -8.24 -4.13
N SER A 17 -3.03 -7.46 -3.53
CA SER A 17 -1.61 -7.48 -3.85
C SER A 17 -0.84 -7.93 -2.63
N PHE A 18 0.48 -7.93 -2.71
CA PHE A 18 1.28 -8.41 -1.59
C PHE A 18 2.49 -7.51 -1.39
N GLY A 19 2.72 -7.06 -0.16
CA GLY A 19 3.79 -6.15 0.17
C GLY A 19 4.77 -6.75 1.17
N SER A 20 5.80 -5.96 1.45
CA SER A 20 6.98 -6.44 2.17
C SER A 20 7.37 -5.58 3.37
N TRP A 21 6.59 -4.54 3.70
CA TRP A 21 6.91 -3.70 4.83
C TRP A 21 6.90 -4.51 6.12
N VAL A 22 7.89 -4.22 6.98
CA VAL A 22 8.08 -4.85 8.30
C VAL A 22 8.61 -6.27 8.16
N THR A 23 7.93 -7.09 7.37
CA THR A 23 8.16 -8.54 7.38
C THR A 23 9.45 -8.95 6.68
N PHE A 24 9.68 -8.50 5.44
CA PHE A 24 10.83 -9.00 4.68
C PHE A 24 12.14 -8.60 5.33
N GLY A 25 13.04 -9.57 5.52
CA GLY A 25 14.32 -9.30 6.14
C GLY A 25 14.33 -9.46 7.64
N LYS A 26 13.17 -9.77 8.23
CA LYS A 26 13.08 -9.98 9.66
C LYS A 26 12.22 -11.21 9.92
N GLN A 27 10.91 -11.02 10.15
CA GLN A 27 10.01 -12.16 10.29
C GLN A 27 10.09 -13.09 9.09
N VAL A 28 10.25 -12.53 7.89
CA VAL A 28 10.22 -13.29 6.65
C VAL A 28 11.61 -13.29 6.05
N ASP A 29 12.30 -14.43 6.11
CA ASP A 29 13.65 -14.54 5.58
C ASP A 29 13.57 -14.89 4.10
N GLY A 30 14.73 -15.15 3.48
CA GLY A 30 14.76 -15.33 2.04
C GLY A 30 13.94 -16.52 1.57
N GLY A 31 14.02 -17.64 2.29
CA GLY A 31 13.25 -18.81 1.91
C GLY A 31 11.76 -18.61 2.10
N ASP A 32 11.38 -17.93 3.18
CA ASP A 32 9.97 -17.67 3.42
C ASP A 32 9.42 -16.64 2.42
N ALA A 33 10.26 -15.69 2.01
CA ALA A 33 9.83 -14.73 0.98
C ALA A 33 9.45 -15.46 -0.30
N LYS A 34 10.28 -16.42 -0.72
CA LYS A 34 9.96 -17.20 -1.91
C LYS A 34 8.67 -17.96 -1.74
N THR A 35 8.48 -18.59 -0.57
CA THR A 35 7.27 -19.38 -0.35
C THR A 35 6.03 -18.50 -0.39
N LEU A 36 6.07 -17.37 0.30
CA LEU A 36 4.92 -16.46 0.32
C LEU A 36 4.65 -15.90 -1.07
N MET A 37 5.72 -15.54 -1.78
CA MET A 37 5.55 -14.90 -3.09
C MET A 37 4.96 -15.89 -4.09
N GLN A 38 5.44 -17.13 -4.08
CA GLN A 38 4.87 -18.16 -4.95
C GLN A 38 3.42 -18.47 -4.58
N ALA A 39 3.10 -18.52 -3.29
CA ALA A 39 1.71 -18.72 -2.89
C ALA A 39 0.83 -17.60 -3.41
N ALA A 40 1.28 -16.34 -3.24
CA ALA A 40 0.53 -15.21 -3.76
C ALA A 40 0.35 -15.32 -5.27
N TYR A 41 1.44 -15.60 -5.98
CA TYR A 41 1.40 -15.72 -7.43
C TYR A 41 0.45 -16.82 -7.88
N ASP A 42 0.47 -17.96 -7.19
CA ASP A 42 -0.41 -19.07 -7.61
C ASP A 42 -1.87 -18.73 -7.41
N ALA A 43 -2.18 -17.85 -6.45
CA ALA A 43 -3.53 -17.40 -6.19
C ALA A 43 -3.98 -16.28 -7.13
N GLY A 44 -3.10 -15.84 -8.03
CA GLY A 44 -3.44 -14.80 -8.98
C GLY A 44 -3.00 -13.40 -8.58
N ILE A 45 -2.31 -13.23 -7.45
CA ILE A 45 -1.75 -11.92 -7.15
C ILE A 45 -0.67 -11.59 -8.17
N ASN A 46 -0.76 -10.38 -8.75
CA ASN A 46 0.20 -9.99 -9.79
C ASN A 46 0.97 -8.72 -9.47
N PHE A 47 0.88 -8.19 -8.26
CA PHE A 47 1.62 -6.99 -7.88
C PHE A 47 2.31 -7.22 -6.54
N PHE A 48 3.61 -6.94 -6.51
CA PHE A 48 4.47 -7.11 -5.35
C PHE A 48 5.16 -5.79 -5.05
N ASP A 49 4.91 -5.27 -3.84
CA ASP A 49 5.30 -3.93 -3.45
C ASP A 49 6.54 -3.96 -2.56
N ASN A 50 7.45 -3.00 -2.78
CA ASN A 50 8.66 -2.89 -1.96
C ASN A 50 9.05 -1.41 -1.84
N ALA A 51 10.21 -1.16 -1.25
CA ALA A 51 10.71 0.20 -1.06
C ALA A 51 12.19 0.14 -0.71
N GLU A 52 12.93 1.18 -1.11
CA GLU A 52 14.35 1.22 -0.72
C GLU A 52 14.51 1.27 0.80
N GLY A 53 13.56 1.89 1.49
CA GLY A 53 13.69 2.04 2.94
C GLY A 53 13.46 0.77 3.73
N TYR A 54 12.84 -0.24 3.14
CA TYR A 54 12.44 -1.44 3.89
C TYR A 54 13.67 -2.24 4.27
N GLU A 55 13.99 -2.27 5.57
CA GLU A 55 15.19 -2.94 6.08
C GLU A 55 16.43 -2.48 5.31
N GLN A 56 16.47 -1.19 4.98
CA GLN A 56 17.63 -0.54 4.39
C GLN A 56 18.14 -1.29 3.17
N GLY A 57 17.21 -1.61 2.27
CA GLY A 57 17.55 -2.30 1.04
C GLY A 57 17.44 -3.80 1.09
N ASN A 58 17.41 -4.39 2.29
CA ASN A 58 17.47 -5.85 2.36
C ASN A 58 16.15 -6.48 1.92
N SER A 59 15.02 -5.79 2.13
CA SER A 59 13.75 -6.31 1.63
C SER A 59 13.78 -6.45 0.11
N GLU A 60 14.29 -5.42 -0.58
CA GLU A 60 14.37 -5.50 -2.03
C GLU A 60 15.38 -6.56 -2.48
N ALA A 61 16.51 -6.68 -1.79
CA ALA A 61 17.47 -7.73 -2.12
C ALA A 61 16.82 -9.11 -1.99
N LEU A 62 16.10 -9.35 -0.90
CA LEU A 62 15.43 -10.64 -0.72
C LEU A 62 14.38 -10.87 -1.79
N MET A 63 13.60 -9.83 -2.11
CA MET A 63 12.55 -10.02 -3.12
C MET A 63 13.18 -10.27 -4.49
N GLY A 64 14.28 -9.58 -4.80
CA GLY A 64 14.94 -9.80 -6.08
C GLY A 64 15.51 -11.21 -6.22
N ALA A 65 16.12 -11.72 -5.15
CA ALA A 65 16.62 -13.09 -5.18
C ALA A 65 15.49 -14.09 -5.35
N ALA A 66 14.35 -13.83 -4.69
CA ALA A 66 13.19 -14.69 -4.87
C ALA A 66 12.67 -14.62 -6.30
N LEU A 67 12.56 -13.41 -6.86
CA LEU A 67 12.11 -13.28 -8.25
C LEU A 67 13.02 -14.06 -9.19
N LYS A 68 14.33 -13.95 -8.99
CA LYS A 68 15.28 -14.64 -9.87
C LYS A 68 15.08 -16.16 -9.79
N GLU A 69 14.99 -16.69 -8.57
CA GLU A 69 14.85 -18.13 -8.39
C GLU A 69 13.51 -18.64 -8.91
N LEU A 70 12.44 -17.86 -8.71
CA LEU A 70 11.12 -18.33 -9.07
C LEU A 70 10.91 -18.34 -10.59
N GLY A 71 11.58 -17.44 -11.31
CA GLY A 71 11.60 -17.49 -12.76
C GLY A 71 10.29 -17.18 -13.44
N TRP A 72 9.46 -16.32 -12.86
CA TRP A 72 8.20 -15.94 -13.50
C TRP A 72 8.47 -15.17 -14.79
N ASP A 73 7.58 -15.36 -15.76
CA ASP A 73 7.57 -14.49 -16.94
C ASP A 73 7.46 -13.03 -16.48
N ARG A 74 8.36 -12.18 -16.99
CA ARG A 74 8.38 -10.78 -16.57
C ARG A 74 7.09 -10.07 -16.93
N ASP A 75 6.46 -10.46 -18.02
CA ASP A 75 5.21 -9.85 -18.47
C ASP A 75 4.02 -10.26 -17.61
N SER A 76 4.21 -11.15 -16.63
CA SER A 76 3.10 -11.69 -15.87
C SER A 76 2.95 -11.07 -14.49
N TYR A 77 3.83 -10.13 -14.11
CA TYR A 77 3.71 -9.54 -12.79
C TYR A 77 4.21 -8.10 -12.82
N ILE A 78 3.88 -7.40 -11.74
CA ILE A 78 4.11 -5.99 -11.52
C ILE A 78 4.92 -5.88 -10.25
N VAL A 79 6.05 -5.15 -10.31
CA VAL A 79 6.85 -4.93 -9.10
C VAL A 79 7.08 -3.44 -8.96
N SER A 80 7.16 -2.97 -7.71
CA SER A 80 7.45 -1.58 -7.40
C SER A 80 8.72 -1.41 -6.59
N SER A 81 9.27 -0.20 -6.67
CA SER A 81 10.06 0.34 -5.58
C SER A 81 9.44 1.68 -5.18
N LYS A 82 9.93 2.22 -4.06
CA LYS A 82 9.52 3.52 -3.57
C LYS A 82 10.75 4.24 -3.07
N VAL A 83 10.91 5.49 -3.46
CA VAL A 83 12.07 6.32 -3.12
C VAL A 83 11.71 7.34 -2.05
N PHE A 84 12.52 7.36 -0.98
CA PHE A 84 12.62 8.49 -0.06
C PHE A 84 13.74 8.26 0.94
N TRP A 85 13.78 7.08 1.55
CA TRP A 85 14.70 6.81 2.66
C TRP A 85 15.81 5.88 2.16
N GLY A 86 16.91 6.48 1.69
CA GLY A 86 17.98 5.70 1.12
C GLY A 86 19.30 5.78 1.89
N GLY A 87 19.23 6.28 3.11
CA GLY A 87 20.43 6.49 3.90
C GLY A 87 20.26 7.71 4.78
N SER A 88 21.29 7.97 5.59
CA SER A 88 21.22 9.05 6.56
C SER A 88 21.70 10.39 6.01
N LYS A 89 22.43 10.40 4.89
CA LYS A 89 23.05 11.64 4.45
C LYS A 89 22.10 12.45 3.57
N PRO A 90 22.33 13.77 3.46
CA PRO A 90 21.35 14.62 2.77
C PRO A 90 21.10 14.25 1.31
N THR A 91 22.10 13.75 0.59
CA THR A 91 21.84 13.34 -0.80
C THR A 91 21.24 11.95 -0.93
N GLN A 92 21.12 11.21 0.18
CA GLN A 92 20.61 9.84 0.18
C GLN A 92 19.15 9.77 0.55
N LYS A 93 18.47 10.90 0.72
CA LYS A 93 17.06 10.86 1.04
C LYS A 93 16.33 11.98 0.31
N GLY A 94 15.01 11.86 0.25
CA GLY A 94 14.17 12.87 -0.38
C GLY A 94 13.93 12.58 -1.84
N LEU A 95 13.40 13.60 -2.53
CA LEU A 95 12.92 13.43 -3.91
C LEU A 95 13.65 14.31 -4.91
N SER A 96 14.90 14.70 -4.61
CA SER A 96 15.70 15.42 -5.59
C SER A 96 15.93 14.58 -6.85
N ARG A 97 16.25 15.24 -7.95
CA ARG A 97 16.62 14.50 -9.14
C ARG A 97 17.73 13.50 -8.86
N LYS A 98 18.71 13.88 -8.04
CA LYS A 98 19.78 12.94 -7.70
C LYS A 98 19.25 11.71 -6.98
N HIS A 99 18.49 11.91 -5.90
CA HIS A 99 18.13 10.70 -5.15
C HIS A 99 17.06 9.87 -5.87
N VAL A 100 16.12 10.50 -6.58
CA VAL A 100 15.17 9.74 -7.39
C VAL A 100 15.90 8.85 -8.39
N THR A 101 16.95 9.39 -9.04
CA THR A 101 17.66 8.63 -10.05
C THR A 101 18.55 7.56 -9.42
N ASP A 102 19.34 7.93 -8.40
CA ASP A 102 20.18 6.94 -7.71
C ASP A 102 19.32 5.79 -7.18
N ALA A 103 18.18 6.12 -6.54
CA ALA A 103 17.36 5.07 -5.92
C ALA A 103 16.74 4.17 -6.97
N CYS A 104 16.44 4.69 -8.17
CA CYS A 104 15.85 3.82 -9.18
C CYS A 104 16.90 2.84 -9.68
N ASN A 105 18.10 3.34 -10.01
CA ASN A 105 19.17 2.44 -10.45
C ASN A 105 19.50 1.41 -9.38
N ALA A 106 19.51 1.81 -8.10
CA ALA A 106 19.79 0.87 -7.03
C ALA A 106 18.70 -0.18 -6.90
N ALA A 107 17.44 0.23 -7.04
CA ALA A 107 16.35 -0.73 -6.91
C ALA A 107 16.35 -1.74 -8.07
N LEU A 108 16.69 -1.29 -9.27
CA LEU A 108 16.80 -2.21 -10.39
C LEU A 108 17.79 -3.32 -10.08
N LYS A 109 18.91 -2.98 -9.43
CA LYS A 109 19.92 -3.99 -9.17
C LYS A 109 19.49 -4.91 -8.04
N ARG A 110 18.90 -4.35 -6.97
CA ARG A 110 18.42 -5.17 -5.85
C ARG A 110 17.33 -6.13 -6.30
N LEU A 111 16.33 -5.62 -7.02
CA LEU A 111 15.21 -6.44 -7.45
C LEU A 111 15.56 -7.34 -8.64
N GLN A 112 16.73 -7.13 -9.24
CA GLN A 112 17.20 -7.94 -10.37
C GLN A 112 16.22 -7.90 -11.54
N VAL A 113 15.80 -6.68 -11.90
CA VAL A 113 14.90 -6.46 -13.03
C VAL A 113 15.49 -5.37 -13.91
N ASP A 114 15.04 -5.33 -15.16
CA ASP A 114 15.48 -4.30 -16.12
C ASP A 114 14.67 -3.02 -16.01
N TYR A 115 13.46 -3.10 -15.47
CA TYR A 115 12.60 -1.94 -15.30
C TYR A 115 11.73 -2.19 -14.09
N LEU A 116 11.27 -1.09 -13.47
CA LEU A 116 10.22 -1.14 -12.45
C LEU A 116 8.87 -0.88 -13.14
N ASP A 117 7.86 -1.71 -12.84
CA ASP A 117 6.53 -1.37 -13.34
C ASP A 117 6.04 -0.08 -12.71
N LEU A 118 6.17 0.02 -11.38
CA LEU A 118 5.66 1.13 -10.59
C LEU A 118 6.80 1.70 -9.77
N TYR A 119 6.88 3.02 -9.71
CA TYR A 119 7.90 3.69 -8.90
C TYR A 119 7.22 4.83 -8.15
N PHE A 120 7.14 4.73 -6.83
CA PHE A 120 6.44 5.71 -6.00
C PHE A 120 7.41 6.66 -5.31
N CYS A 121 7.02 7.92 -5.19
CA CYS A 121 7.59 8.79 -4.15
C CYS A 121 7.03 8.36 -2.81
N HIS A 122 7.91 7.86 -1.93
CA HIS A 122 7.42 7.18 -0.73
C HIS A 122 6.74 8.15 0.24
N ARG A 123 7.17 9.40 0.25
CA ARG A 123 6.55 10.48 1.00
C ARG A 123 6.68 11.75 0.17
N PRO A 124 5.91 12.79 0.49
CA PRO A 124 6.17 14.09 -0.15
C PRO A 124 7.41 14.74 0.47
N ASP A 125 8.14 15.49 -0.36
CA ASP A 125 9.37 16.16 0.05
C ASP A 125 9.17 17.66 -0.07
N VAL A 126 8.85 18.32 1.04
CA VAL A 126 8.61 19.76 0.97
C VAL A 126 9.89 20.54 0.68
N ASP A 127 11.05 19.88 0.68
CA ASP A 127 12.31 20.53 0.34
C ASP A 127 12.78 20.29 -1.09
N THR A 128 11.96 19.66 -1.94
CA THR A 128 12.26 19.56 -3.36
C THR A 128 11.05 20.06 -4.14
N PRO A 129 11.21 20.98 -5.09
CA PRO A 129 10.06 21.38 -5.92
C PRO A 129 9.45 20.16 -6.60
N ILE A 130 8.12 20.09 -6.56
CA ILE A 130 7.48 18.96 -7.23
C ILE A 130 7.85 18.93 -8.71
N GLU A 131 8.02 20.09 -9.35
CA GLU A 131 8.50 20.12 -10.74
C GLU A 131 9.78 19.32 -10.94
N GLU A 132 10.75 19.49 -10.03
CA GLU A 132 11.99 18.74 -10.16
C GLU A 132 11.76 17.23 -10.10
N THR A 133 10.96 16.78 -9.13
CA THR A 133 10.66 15.36 -9.00
C THR A 133 9.98 14.82 -10.27
N VAL A 134 9.01 15.57 -10.81
CA VAL A 134 8.32 15.13 -12.02
C VAL A 134 9.30 15.02 -13.18
N ARG A 135 10.19 16.00 -13.31
CA ARG A 135 11.19 15.93 -14.38
C ARG A 135 12.08 14.70 -14.24
N ALA A 136 12.49 14.38 -13.00
CA ALA A 136 13.34 13.24 -12.78
C ALA A 136 12.62 11.94 -13.15
N MET A 137 11.33 11.86 -12.80
CA MET A 137 10.55 10.67 -13.16
C MET A 137 10.40 10.57 -14.68
N ASP A 138 10.18 11.72 -15.34
CA ASP A 138 9.99 11.67 -16.78
C ASP A 138 11.23 11.16 -17.50
N ALA A 139 12.41 11.54 -17.02
CA ALA A 139 13.63 11.03 -17.65
C ALA A 139 13.73 9.51 -17.51
N LEU A 140 13.31 8.99 -16.35
CA LEU A 140 13.31 7.54 -16.15
C LEU A 140 12.31 6.83 -17.07
N ILE A 141 11.11 7.40 -17.26
CA ILE A 141 10.17 6.90 -18.27
C ILE A 141 10.82 6.82 -19.65
N THR A 142 11.39 7.92 -20.11
CA THR A 142 11.91 7.92 -21.48
C THR A 142 13.10 6.97 -21.63
N GLN A 143 13.88 6.78 -20.58
CA GLN A 143 14.97 5.81 -20.61
C GLN A 143 14.47 4.37 -20.55
N GLY A 144 13.19 4.16 -20.23
CA GLY A 144 12.66 2.81 -20.10
C GLY A 144 12.92 2.14 -18.78
N LYS A 145 13.39 2.87 -17.77
CA LYS A 145 13.71 2.26 -16.47
C LYS A 145 12.49 2.08 -15.60
N ILE A 146 11.41 2.84 -15.83
CA ILE A 146 10.15 2.69 -15.12
C ILE A 146 9.02 2.86 -16.13
N LEU A 147 7.85 2.31 -15.80
CA LEU A 147 6.68 2.45 -16.66
C LEU A 147 5.67 3.46 -16.14
N TYR A 148 5.34 3.43 -14.85
CA TYR A 148 4.41 4.35 -14.24
C TYR A 148 5.01 4.88 -12.95
N TRP A 149 4.79 6.15 -12.64
CA TRP A 149 5.22 6.70 -11.37
C TRP A 149 4.06 7.29 -10.59
N GLY A 150 4.25 7.36 -9.27
CA GLY A 150 3.20 7.83 -8.39
C GLY A 150 3.76 8.24 -7.06
N THR A 151 2.86 8.31 -6.07
CA THR A 151 3.20 8.96 -4.81
C THR A 151 2.57 8.18 -3.66
N SER A 152 3.01 8.49 -2.44
CA SER A 152 2.45 7.85 -1.25
C SER A 152 2.26 8.88 -0.15
N GLU A 153 1.02 8.96 0.34
CA GLU A 153 0.60 9.86 1.40
C GLU A 153 0.81 11.33 1.07
N TRP A 154 0.84 11.67 -0.22
CA TRP A 154 0.78 13.07 -0.58
C TRP A 154 -0.61 13.63 -0.26
N ASN A 155 -0.71 14.95 -0.18
CA ASN A 155 -2.02 15.57 -0.06
C ASN A 155 -2.51 16.02 -1.43
N ALA A 156 -3.78 16.43 -1.50
CA ALA A 156 -4.39 16.71 -2.79
C ALA A 156 -3.82 17.97 -3.42
N GLN A 157 -3.34 18.93 -2.63
CA GLN A 157 -2.62 20.07 -3.18
C GLN A 157 -1.37 19.61 -3.93
N GLN A 158 -0.59 18.73 -3.30
CA GLN A 158 0.65 18.26 -3.89
C GLN A 158 0.39 17.44 -5.14
N LEU A 159 -0.63 16.57 -5.10
CA LEU A 159 -0.94 15.76 -6.27
C LEU A 159 -1.45 16.64 -7.42
N THR A 160 -2.32 17.61 -7.10
CA THR A 160 -2.80 18.52 -8.15
C THR A 160 -1.63 19.28 -8.73
N GLU A 161 -0.67 19.68 -7.90
CA GLU A 161 0.51 20.35 -8.40
C GLU A 161 1.28 19.46 -9.38
N ALA A 162 1.45 18.17 -9.04
CA ALA A 162 2.18 17.28 -9.93
C ALA A 162 1.49 17.13 -11.27
N TYR A 163 0.17 16.97 -11.28
CA TYR A 163 -0.53 16.88 -12.56
C TYR A 163 -0.40 18.17 -13.35
N GLY A 164 -0.45 19.31 -12.68
CA GLY A 164 -0.32 20.58 -13.37
C GLY A 164 1.06 20.79 -13.96
N VAL A 165 2.10 20.39 -13.23
CA VAL A 165 3.46 20.48 -13.76
C VAL A 165 3.63 19.56 -14.96
N ALA A 166 3.11 18.35 -14.87
CA ALA A 166 3.27 17.45 -16.01
C ALA A 166 2.62 18.03 -17.24
N ARG A 167 1.42 18.59 -17.09
CA ARG A 167 0.74 19.16 -18.25
C ARG A 167 1.50 20.38 -18.78
N ALA A 168 1.94 21.26 -17.88
CA ALA A 168 2.58 22.51 -18.30
C ALA A 168 3.87 22.27 -19.07
N TYR A 169 4.63 21.24 -18.68
CA TYR A 169 5.97 21.05 -19.22
C TYR A 169 6.08 19.84 -20.13
N GLY A 170 4.95 19.21 -20.49
CA GLY A 170 4.98 18.08 -21.39
C GLY A 170 5.68 16.86 -20.79
N LEU A 171 5.43 16.59 -19.51
CA LEU A 171 6.06 15.49 -18.79
C LEU A 171 5.01 14.44 -18.49
N THR A 172 5.47 13.27 -18.08
CA THR A 172 4.56 12.17 -17.78
C THR A 172 3.81 12.43 -16.47
N PRO A 173 2.48 12.40 -16.46
CA PRO A 173 1.72 12.58 -15.20
C PRO A 173 1.87 11.36 -14.30
N PRO A 174 1.65 11.52 -13.01
CA PRO A 174 1.60 10.35 -12.11
C PRO A 174 0.35 9.54 -12.37
N THR A 175 0.35 8.30 -11.87
CA THR A 175 -0.72 7.35 -12.13
C THR A 175 -1.55 6.97 -10.90
N MET A 176 -1.06 7.22 -9.70
CA MET A 176 -1.46 6.30 -8.64
C MET A 176 -0.90 6.72 -7.30
N GLU A 177 -1.57 6.30 -6.21
CA GLU A 177 -1.09 6.91 -5.02
C GLU A 177 -1.12 5.64 -4.13
N GLN A 178 -0.35 5.60 -3.01
CA GLN A 178 -0.32 4.45 -2.07
C GLN A 178 -0.62 4.97 -0.66
N PRO A 179 -1.88 5.15 -0.33
CA PRO A 179 -2.26 5.66 1.00
C PRO A 179 -2.69 4.55 1.93
N GLN A 180 -2.42 4.72 3.23
CA GLN A 180 -3.10 3.88 4.22
C GLN A 180 -4.59 4.04 4.06
N TYR A 181 -5.31 2.91 4.14
CA TYR A 181 -6.77 2.93 4.07
C TYR A 181 -7.29 1.67 4.74
N ASN A 182 -8.23 1.87 5.67
CA ASN A 182 -8.88 0.77 6.39
C ASN A 182 -10.06 1.37 7.13
N ILE A 183 -10.83 0.52 7.81
CA ILE A 183 -12.03 1.01 8.49
C ILE A 183 -11.70 2.16 9.44
N LEU A 184 -10.50 2.17 10.01
CA LEU A 184 -10.13 3.16 11.02
C LEU A 184 -9.36 4.35 10.44
N GLU A 185 -9.05 4.36 9.15
CA GLU A 185 -8.28 5.47 8.57
C GLU A 185 -8.77 5.71 7.15
N ARG A 186 -9.51 6.80 6.96
CA ARG A 186 -10.28 7.03 5.76
C ARG A 186 -10.07 8.41 5.15
N ARG A 187 -9.25 9.26 5.78
CA ARG A 187 -9.24 10.68 5.47
C ARG A 187 -8.82 10.96 4.03
N LYS A 188 -7.74 10.34 3.57
CA LYS A 188 -7.27 10.66 2.21
C LYS A 188 -8.17 10.02 1.17
N VAL A 189 -8.40 8.71 1.26
CA VAL A 189 -9.09 8.01 0.18
C VAL A 189 -10.53 8.49 0.02
N GLU A 190 -11.22 8.77 1.14
CA GLU A 190 -12.61 9.20 1.06
C GLU A 190 -12.82 10.68 1.30
N GLY A 191 -11.75 11.44 1.54
CA GLY A 191 -11.88 12.86 1.80
C GLY A 191 -11.02 13.69 0.87
N ASP A 192 -9.74 13.86 1.24
CA ASP A 192 -8.84 14.70 0.47
C ASP A 192 -8.77 14.32 -1.00
N PHE A 193 -8.72 13.04 -1.31
CA PHE A 193 -8.50 12.61 -2.69
C PHE A 193 -9.77 12.61 -3.53
N LEU A 194 -10.94 12.82 -2.91
CA LEU A 194 -12.21 12.68 -3.64
C LEU A 194 -12.22 13.37 -5.00
N PRO A 195 -11.85 14.65 -5.13
CA PRO A 195 -11.94 15.28 -6.47
C PRO A 195 -10.94 14.73 -7.46
N LEU A 196 -9.84 14.12 -6.99
CA LEU A 196 -8.77 13.68 -7.89
C LEU A 196 -9.16 12.49 -8.74
N TYR A 197 -10.10 11.67 -8.27
CA TYR A 197 -10.48 10.50 -9.06
C TYR A 197 -11.10 10.93 -10.38
N GLU A 198 -12.10 11.82 -10.34
CA GLU A 198 -12.73 12.23 -11.58
C GLU A 198 -11.84 13.20 -12.35
N LEU A 199 -11.13 14.09 -11.66
CA LEU A 199 -10.28 15.07 -12.34
C LEU A 199 -9.14 14.42 -13.11
N PHE A 200 -8.46 13.47 -12.47
CA PHE A 200 -7.20 12.96 -12.97
C PHE A 200 -7.14 11.45 -13.16
N GLY A 201 -8.15 10.70 -12.69
CA GLY A 201 -8.10 9.25 -12.82
C GLY A 201 -7.11 8.56 -11.90
N LEU A 202 -6.78 9.18 -10.76
CA LEU A 202 -5.81 8.64 -9.82
C LEU A 202 -6.16 7.24 -9.36
N GLY A 203 -5.21 6.30 -9.51
CA GLY A 203 -5.35 4.97 -8.96
C GLY A 203 -4.90 4.90 -7.52
N THR A 204 -5.28 3.81 -6.84
CA THR A 204 -4.84 3.62 -5.45
C THR A 204 -4.41 2.19 -5.20
N THR A 205 -3.23 2.02 -4.59
CA THR A 205 -2.77 0.73 -4.06
C THR A 205 -2.80 0.94 -2.54
N ILE A 206 -3.84 0.42 -1.85
CA ILE A 206 -3.95 0.90 -0.47
C ILE A 206 -3.11 0.03 0.48
N TRP A 207 -2.64 0.72 1.51
CA TRP A 207 -1.67 0.25 2.49
C TRP A 207 -2.36 -0.04 3.82
N SER A 208 -1.81 -1.03 4.54
CA SER A 208 -2.26 -1.39 5.88
C SER A 208 -3.77 -1.60 5.97
N PRO A 209 -4.33 -2.50 5.16
CA PRO A 209 -5.79 -2.70 5.18
C PRO A 209 -6.30 -3.29 6.48
N LEU A 210 -5.42 -3.87 7.29
CA LEU A 210 -5.80 -4.39 8.62
C LEU A 210 -5.29 -3.51 9.75
N ALA A 211 -4.88 -2.29 9.45
CA ALA A 211 -4.34 -1.36 10.44
C ALA A 211 -3.20 -2.01 11.23
N SER A 212 -2.19 -2.52 10.51
CA SER A 212 -1.05 -3.25 11.06
C SER A 212 -1.42 -4.53 11.81
N GLY A 213 -2.64 -4.99 11.65
CA GLY A 213 -3.10 -6.19 12.34
C GLY A 213 -4.16 -5.93 13.39
N ILE A 214 -4.39 -4.67 13.75
CA ILE A 214 -5.44 -4.36 14.72
C ILE A 214 -6.79 -4.89 14.25
N LEU A 215 -7.07 -4.76 12.95
CA LEU A 215 -8.38 -5.15 12.44
C LEU A 215 -8.51 -6.65 12.19
N THR A 216 -7.56 -7.47 12.66
CA THR A 216 -7.85 -8.90 12.84
C THR A 216 -8.58 -9.17 14.15
N GLY A 217 -8.58 -8.22 15.07
CA GLY A 217 -9.08 -8.45 16.42
C GLY A 217 -8.13 -9.17 17.33
N LYS A 218 -6.91 -9.48 16.88
CA LYS A 218 -5.98 -10.29 17.67
C LYS A 218 -5.45 -9.56 18.90
N TYR A 219 -5.65 -8.24 19.00
CA TYR A 219 -5.16 -7.46 20.12
C TYR A 219 -6.27 -7.09 21.11
N LEU A 220 -7.47 -7.65 20.93
CA LEU A 220 -8.61 -7.22 21.73
C LEU A 220 -8.41 -7.49 23.21
N GLU A 221 -7.71 -8.57 23.56
CA GLU A 221 -7.51 -8.91 24.97
C GLU A 221 -6.12 -8.62 25.48
N GLY A 222 -5.22 -8.12 24.64
CA GLY A 222 -3.84 -7.89 25.02
C GLY A 222 -2.96 -8.01 23.79
N ILE A 223 -1.65 -8.05 24.00
CA ILE A 223 -0.67 -8.07 22.92
C ILE A 223 -0.09 -9.47 22.80
N PRO A 224 -0.29 -10.16 21.67
CA PRO A 224 0.34 -11.48 21.50
C PRO A 224 1.86 -11.37 21.47
N ASN A 225 2.53 -12.36 22.06
CA ASN A 225 4.00 -12.37 22.06
C ASN A 225 4.55 -12.35 20.63
N ASP A 226 3.92 -13.10 19.75
CA ASP A 226 4.29 -13.20 18.34
C ASP A 226 3.31 -12.31 17.57
N SER A 227 3.54 -11.00 17.67
CA SER A 227 2.70 -10.02 16.96
C SER A 227 3.55 -8.82 16.58
N ARG A 228 3.09 -8.09 15.55
CA ARG A 228 3.85 -6.94 15.07
C ARG A 228 4.13 -5.92 16.17
N LEU A 229 3.12 -5.63 16.99
CA LEU A 229 3.27 -4.59 17.99
C LEU A 229 4.27 -4.98 19.07
N ASN A 230 4.62 -6.26 19.17
CA ASN A 230 5.61 -6.72 20.12
C ASN A 230 7.00 -6.90 19.50
N LEU A 231 7.17 -6.56 18.23
CA LEU A 231 8.47 -6.73 17.59
C LEU A 231 9.47 -5.71 18.12
N PRO A 232 10.73 -6.11 18.32
CA PRO A 232 11.75 -5.12 18.66
C PRO A 232 11.91 -4.13 17.52
N GLY A 233 12.04 -2.85 17.88
CA GLY A 233 12.11 -1.78 16.90
C GLY A 233 10.77 -1.19 16.53
N TYR A 234 9.66 -1.81 16.91
CA TYR A 234 8.32 -1.30 16.63
C TYR A 234 7.63 -0.85 17.91
N GLU A 235 8.41 -0.47 18.92
CA GLU A 235 7.83 0.08 20.14
C GLU A 235 7.07 1.37 19.85
N TRP A 236 7.52 2.16 18.88
CA TRP A 236 6.79 3.36 18.47
C TRP A 236 5.38 3.02 18.02
N LEU A 237 5.21 1.87 17.36
CA LEU A 237 3.90 1.47 16.86
C LEU A 237 3.00 0.98 17.98
N LYS A 238 3.54 0.17 18.90
CA LYS A 238 2.80 -0.18 20.11
C LYS A 238 2.36 1.07 20.86
N GLU A 239 3.21 2.10 20.89
CA GLU A 239 2.90 3.33 21.61
C GLU A 239 1.71 4.06 21.00
N ARG A 240 1.70 4.21 19.66
CA ARG A 240 0.59 4.91 19.02
C ARG A 240 -0.75 4.28 19.35
N TRP A 241 -0.80 2.96 19.41
CA TRP A 241 -2.06 2.29 19.69
C TRP A 241 -2.40 2.29 21.17
N SER A 242 -1.47 2.71 22.03
CA SER A 242 -1.69 2.80 23.46
C SER A 242 -2.19 4.18 23.90
N THR A 243 -2.22 5.15 22.99
CA THR A 243 -2.73 6.48 23.29
C THR A 243 -4.24 6.40 23.54
N PRO A 244 -4.85 7.45 24.10
CA PRO A 244 -6.31 7.43 24.25
C PRO A 244 -7.04 7.31 22.93
N ASP A 245 -6.56 7.98 21.88
CA ASP A 245 -7.16 7.83 20.56
C ASP A 245 -7.04 6.39 20.07
N GLY A 246 -5.86 5.78 20.24
CA GLY A 246 -5.69 4.39 19.86
C GLY A 246 -6.54 3.45 20.69
N ARG A 247 -6.79 3.80 21.95
CA ARG A 247 -7.63 2.96 22.79
C ARG A 247 -9.10 3.07 22.42
N GLU A 248 -9.55 4.26 22.03
CA GLU A 248 -10.93 4.38 21.56
C GLU A 248 -11.15 3.59 20.29
N LYS A 249 -10.18 3.63 19.38
CA LYS A 249 -10.26 2.83 18.16
C LYS A 249 -10.36 1.35 18.50
N GLN A 250 -9.56 0.89 19.47
CA GLN A 250 -9.59 -0.52 19.82
C GLN A 250 -10.93 -0.91 20.43
N ALA A 251 -11.59 0.00 21.15
CA ALA A 251 -12.94 -0.25 21.63
C ALA A 251 -13.93 -0.37 20.47
N GLN A 252 -13.73 0.42 19.41
CA GLN A 252 -14.58 0.26 18.23
C GLN A 252 -14.31 -1.05 17.53
N VAL A 253 -13.06 -1.55 17.57
CA VAL A 253 -12.74 -2.85 16.98
C VAL A 253 -13.54 -3.95 17.66
N ARG A 254 -13.77 -3.83 18.97
CA ARG A 254 -14.60 -4.83 19.64
C ARG A 254 -16.01 -4.86 19.07
N GLU A 255 -16.61 -3.68 18.86
CA GLU A 255 -17.92 -3.63 18.21
C GLU A 255 -17.89 -4.20 16.80
N LEU A 256 -16.82 -3.89 16.04
CA LEU A 256 -16.72 -4.45 14.68
C LEU A 256 -16.60 -5.97 14.72
N ALA A 257 -15.91 -6.51 15.72
CA ALA A 257 -15.80 -7.96 15.84
C ALA A 257 -17.15 -8.59 16.15
N ASP A 258 -17.98 -7.91 16.95
CA ASP A 258 -19.34 -8.41 17.21
C ASP A 258 -20.19 -8.37 15.94
N LEU A 259 -20.02 -7.33 15.12
CA LEU A 259 -20.74 -7.28 13.85
C LEU A 259 -20.32 -8.42 12.93
N ALA A 260 -19.01 -8.67 12.84
CA ALA A 260 -18.51 -9.76 12.00
C ALA A 260 -19.06 -11.10 12.43
N LYS A 261 -19.09 -11.36 13.75
CA LYS A 261 -19.65 -12.62 14.24
C LYS A 261 -21.11 -12.75 13.84
N GLU A 262 -21.87 -11.66 13.99
CA GLU A 262 -23.27 -11.63 13.57
C GLU A 262 -23.42 -11.97 12.09
N LEU A 263 -22.45 -11.57 11.26
CA LEU A 263 -22.52 -11.83 9.83
C LEU A 263 -21.97 -13.21 9.44
N GLY A 264 -21.36 -13.94 10.37
CA GLY A 264 -20.78 -15.21 10.02
C GLY A 264 -19.43 -15.12 9.34
N ILE A 265 -18.70 -14.04 9.60
CA ILE A 265 -17.45 -13.71 8.93
C ILE A 265 -16.42 -13.34 10.00
N SER A 266 -15.15 -13.65 9.75
CA SER A 266 -14.10 -13.14 10.62
C SER A 266 -13.95 -11.62 10.43
N LEU A 267 -13.49 -10.95 11.47
CA LEU A 267 -13.23 -9.51 11.35
C LEU A 267 -12.15 -9.25 10.31
N THR A 268 -11.14 -10.12 10.24
CA THR A 268 -10.10 -9.99 9.21
C THR A 268 -10.75 -9.93 7.83
N HIS A 269 -11.64 -10.88 7.54
CA HIS A 269 -12.27 -10.93 6.22
C HIS A 269 -13.16 -9.71 6.00
N LEU A 270 -13.94 -9.33 7.01
CA LEU A 270 -14.77 -8.14 6.89
C LEU A 270 -13.93 -6.90 6.58
N SER A 271 -12.78 -6.76 7.24
CA SER A 271 -11.97 -5.56 7.08
C SER A 271 -11.34 -5.49 5.69
N LEU A 272 -10.87 -6.62 5.17
CA LEU A 272 -10.31 -6.63 3.83
C LEU A 272 -11.38 -6.35 2.78
N LEU A 273 -12.54 -7.00 2.90
CA LEU A 273 -13.62 -6.78 1.93
C LEU A 273 -14.17 -5.37 2.02
N TRP A 274 -14.18 -4.77 3.22
CA TRP A 274 -14.60 -3.39 3.36
C TRP A 274 -13.80 -2.47 2.45
N CYS A 275 -12.49 -2.69 2.37
CA CYS A 275 -11.64 -1.88 1.50
C CYS A 275 -12.05 -2.06 0.03
N LEU A 276 -12.25 -3.30 -0.39
CA LEU A 276 -12.65 -3.57 -1.77
C LEU A 276 -14.02 -2.99 -2.11
N ALA A 277 -14.88 -2.76 -1.12
CA ALA A 277 -16.20 -2.19 -1.38
C ALA A 277 -16.12 -0.77 -1.90
N ASN A 278 -14.97 -0.10 -1.77
CA ASN A 278 -14.78 1.23 -2.33
C ASN A 278 -14.36 1.10 -3.79
N PRO A 279 -15.16 1.59 -4.75
CA PRO A 279 -14.76 1.45 -6.16
C PRO A 279 -13.54 2.27 -6.53
N HIS A 280 -13.10 3.21 -5.69
CA HIS A 280 -11.89 3.97 -5.96
C HIS A 280 -10.62 3.25 -5.55
N VAL A 281 -10.74 2.08 -4.92
CA VAL A 281 -9.59 1.28 -4.54
C VAL A 281 -9.19 0.39 -5.72
N SER A 282 -7.94 0.51 -6.19
CA SER A 282 -7.53 -0.35 -7.29
C SER A 282 -7.08 -1.70 -6.79
N THR A 283 -6.32 -1.71 -5.69
CA THR A 283 -5.86 -2.96 -5.10
C THR A 283 -5.62 -2.73 -3.61
N VAL A 284 -5.79 -3.81 -2.85
CA VAL A 284 -5.54 -3.86 -1.42
C VAL A 284 -4.23 -4.61 -1.24
N ILE A 285 -3.19 -3.93 -0.77
CA ILE A 285 -1.90 -4.59 -0.58
C ILE A 285 -1.94 -5.34 0.76
N LEU A 286 -1.85 -6.66 0.70
CA LEU A 286 -1.81 -7.50 1.90
C LEU A 286 -0.43 -7.51 2.53
N GLY A 287 -0.39 -7.68 3.84
CA GLY A 287 0.83 -7.97 4.56
C GLY A 287 0.67 -9.28 5.29
N ALA A 288 1.76 -10.03 5.40
CA ALA A 288 1.71 -11.32 6.12
C ALA A 288 3.10 -11.69 6.62
N SER A 289 3.18 -12.12 7.89
CA SER A 289 4.46 -12.54 8.43
C SER A 289 4.69 -14.04 8.28
N ARG A 290 3.72 -14.77 7.74
CA ARG A 290 3.78 -16.22 7.65
C ARG A 290 2.69 -16.69 6.70
N LEU A 291 2.91 -17.88 6.13
CA LEU A 291 2.04 -18.38 5.06
C LEU A 291 0.59 -18.51 5.51
N SER A 292 0.34 -18.94 6.75
CA SER A 292 -1.03 -19.12 7.19
C SER A 292 -1.83 -17.82 7.15
N GLN A 293 -1.17 -16.68 7.37
CA GLN A 293 -1.87 -15.40 7.31
C GLN A 293 -2.23 -15.03 5.87
N LEU A 294 -1.29 -15.26 4.95
CA LEU A 294 -1.59 -15.01 3.55
C LEU A 294 -2.75 -15.87 3.07
N GLU A 295 -2.76 -17.16 3.45
CA GLU A 295 -3.87 -18.03 3.08
C GLU A 295 -5.18 -17.55 3.70
N ASP A 296 -5.14 -17.17 4.98
CA ASP A 296 -6.33 -16.65 5.64
C ASP A 296 -6.85 -15.42 4.90
N ASN A 297 -5.96 -14.49 4.56
CA ASN A 297 -6.41 -13.25 3.93
C ASN A 297 -6.99 -13.50 2.55
N LEU A 298 -6.37 -14.38 1.77
CA LEU A 298 -6.90 -14.73 0.45
C LEU A 298 -8.29 -15.35 0.54
N ALA A 299 -8.58 -16.05 1.63
CA ALA A 299 -9.90 -16.67 1.80
C ALA A 299 -11.02 -15.66 1.93
N ALA A 300 -10.69 -14.39 2.22
CA ALA A 300 -11.72 -13.36 2.34
C ALA A 300 -12.52 -13.24 1.04
N LEU A 301 -11.90 -13.52 -0.10
CA LEU A 301 -12.53 -13.26 -1.39
C LEU A 301 -13.76 -14.12 -1.63
N ALA A 302 -13.96 -15.17 -0.84
CA ALA A 302 -15.15 -16.00 -0.97
C ALA A 302 -16.39 -15.39 -0.33
N HIS A 303 -16.26 -14.29 0.42
CA HIS A 303 -17.37 -13.78 1.20
C HIS A 303 -17.83 -12.39 0.76
N LYS A 304 -17.57 -12.01 -0.50
CA LYS A 304 -17.95 -10.67 -0.96
C LYS A 304 -19.45 -10.40 -0.77
N ASP A 305 -20.30 -11.41 -0.95
CA ASP A 305 -21.73 -11.16 -0.88
C ASP A 305 -22.20 -10.80 0.53
N LYS A 306 -21.41 -11.11 1.56
CA LYS A 306 -21.82 -10.77 2.91
C LYS A 306 -21.65 -9.28 3.23
N VAL A 307 -20.90 -8.53 2.42
CA VAL A 307 -20.62 -7.13 2.70
C VAL A 307 -21.57 -6.31 1.83
N THR A 308 -22.71 -5.96 2.40
CA THR A 308 -23.80 -5.29 1.71
C THR A 308 -23.80 -3.81 2.05
N PRO A 309 -24.58 -3.00 1.32
CA PRO A 309 -24.73 -1.59 1.72
C PRO A 309 -25.20 -1.43 3.15
N GLU A 310 -26.05 -2.32 3.64
CA GLU A 310 -26.50 -2.25 5.03
C GLU A 310 -25.34 -2.46 5.99
N VAL A 311 -24.44 -3.39 5.65
CA VAL A 311 -23.26 -3.62 6.49
C VAL A 311 -22.35 -2.40 6.47
N MET A 312 -22.10 -1.81 5.29
CA MET A 312 -21.30 -0.60 5.22
C MET A 312 -21.88 0.52 6.06
N ALA A 313 -23.22 0.67 6.06
CA ALA A 313 -23.84 1.72 6.86
C ALA A 313 -23.67 1.45 8.36
N ARG A 314 -23.76 0.19 8.78
CA ARG A 314 -23.58 -0.12 10.20
C ARG A 314 -22.14 0.14 10.64
N ILE A 315 -21.17 -0.14 9.77
CA ILE A 315 -19.78 0.16 10.09
C ILE A 315 -19.59 1.67 10.23
N ASP A 316 -20.20 2.46 9.34
CA ASP A 316 -20.15 3.90 9.47
C ASP A 316 -20.69 4.34 10.83
N GLU A 317 -21.78 3.70 11.28
CA GLU A 317 -22.40 4.06 12.55
C GLU A 317 -21.50 3.70 13.73
N ILE A 318 -20.81 2.57 13.65
CA ILE A 318 -19.93 2.13 14.73
C ILE A 318 -18.74 3.08 14.86
N VAL A 319 -18.06 3.38 13.74
CA VAL A 319 -16.79 4.09 13.86
C VAL A 319 -16.96 5.60 13.76
N GLY A 320 -17.98 6.08 13.06
CA GLY A 320 -18.27 7.50 13.03
C GLY A 320 -17.23 8.36 12.32
N ASN A 321 -16.46 7.78 11.39
CA ASN A 321 -15.34 8.50 10.80
C ASN A 321 -15.47 8.67 9.28
N LYS A 322 -16.66 8.47 8.73
CA LYS A 322 -16.83 8.72 7.29
C LYS A 322 -16.54 10.18 7.01
N PRO A 323 -15.57 10.51 6.14
CA PRO A 323 -15.26 11.91 5.88
C PRO A 323 -16.41 12.61 5.17
N ALA A 324 -16.55 13.90 5.49
CA ALA A 324 -17.51 14.73 4.80
C ALA A 324 -17.13 14.86 3.33
N GLY A 325 -18.14 14.97 2.48
CA GLY A 325 -17.93 15.13 1.05
C GLY A 325 -17.65 16.58 0.69
N PRO A 326 -17.68 16.89 -0.60
CA PRO A 326 -17.48 18.28 -1.02
C PRO A 326 -18.54 19.19 -0.44
N GLN A 327 -18.13 20.40 -0.04
CA GLN A 327 -19.07 21.34 0.54
C GLN A 327 -19.73 22.20 -0.53
N ARG A 328 -21.04 22.38 -0.39
CA ARG A 328 -21.87 23.14 -1.30
C ARG A 328 -22.39 24.40 -0.61
N PHE A 329 -22.73 25.40 -1.41
CA PHE A 329 -23.17 26.70 -0.91
C PHE A 329 -24.41 27.18 -1.64
C1 GOL B . -11.29 2.92 -9.74
O1 GOL B . -11.08 3.35 -11.03
C2 GOL B . -10.13 1.98 -9.29
O2 GOL B . -8.85 2.55 -9.49
C3 GOL B . -10.34 0.60 -10.00
O3 GOL B . -10.34 0.77 -11.40
C1 GOL C . -2.87 -15.26 25.42
O1 GOL C . -3.76 -15.68 24.43
C2 GOL C . -2.25 -14.02 24.86
O2 GOL C . -2.67 -13.76 23.58
C3 GOL C . -2.49 -12.91 25.91
O3 GOL C . -3.81 -12.98 26.25
PA NAP D . -1.89 -5.01 7.36
O1A NAP D . -2.81 -5.98 6.79
O2A NAP D . -2.51 -3.78 7.95
O5B NAP D . -0.94 -5.67 8.57
C5B NAP D . -0.31 -6.87 8.20
C4B NAP D . 0.23 -7.52 9.51
O4B NAP D . -0.81 -7.89 10.26
C3B NAP D . 0.99 -8.77 9.12
O3B NAP D . 2.36 -8.51 9.01
C2B NAP D . 0.71 -9.66 10.37
O2B NAP D . 1.67 -9.06 11.36
C1B NAP D . -0.52 -9.41 10.69
N9A NAP D . -1.52 -10.20 9.93
C8A NAP D . -1.82 -10.16 8.63
N7A NAP D . -2.80 -11.03 8.35
C5A NAP D . -3.12 -11.64 9.52
C6A NAP D . -4.07 -12.61 9.78
N6A NAP D . -4.92 -13.21 8.87
N1A NAP D . -4.19 -13.05 11.03
C2A NAP D . -3.39 -12.52 12.00
N3A NAP D . -2.47 -11.56 11.76
C4A NAP D . -2.35 -11.13 10.48
O3 NAP D . -0.85 -4.58 6.20
PN NAP D . 0.60 -3.83 6.32
O1N NAP D . 1.64 -4.86 6.34
O2N NAP D . 0.63 -2.77 7.32
O5D NAP D . 0.63 -3.12 4.82
C5D NAP D . 0.56 -3.98 3.71
C4D NAP D . 1.45 -3.38 2.61
O4D NAP D . 1.06 -2.12 2.39
C3D NAP D . 2.91 -3.28 3.06
O3D NAP D . 3.63 -4.41 2.86
C2D NAP D . 3.39 -2.16 2.10
O2D NAP D . 3.55 -2.84 0.78
C1D NAP D . 2.39 -1.29 2.06
N1N NAP D . 2.45 -0.18 3.01
C2N NAP D . 2.80 1.04 2.54
C3N NAP D . 2.86 2.12 3.40
C7N NAP D . 3.26 3.54 2.81
O7N NAP D . 3.23 4.51 3.51
N7N NAP D . 3.59 3.64 1.47
C4N NAP D . 2.59 1.97 4.73
C5N NAP D . 2.24 0.74 5.20
C6N NAP D . 2.16 -0.34 4.35
P2B NAP D . 2.21 -9.94 12.66
O1X NAP D . 3.61 -9.45 12.90
O2X NAP D . 1.26 -9.58 13.82
O3X NAP D . 2.13 -11.38 12.27
#